data_3GJT
#
_entry.id   3GJT
#
_cell.length_a   68.186
_cell.length_b   88.338
_cell.length_c   96.901
_cell.angle_alpha   90.00
_cell.angle_beta   90.00
_cell.angle_gamma   90.00
#
_symmetry.space_group_name_H-M   'P 21 21 21'
#
loop_
_entity.id
_entity.type
_entity.pdbx_description
1 polymer 'Caspase-3 subunit p17'
2 polymer 'Caspase-3 subunit p12'
3 polymer 'peptide inhibitor'
4 water water
#
loop_
_entity_poly.entity_id
_entity_poly.type
_entity_poly.pdbx_seq_one_letter_code
_entity_poly.pdbx_strand_id
1 'polypeptide(L)'
;SGISLDNSYKMDYPEMGLCIIINNKNFHKSTGMTSRSGTDVDAANLRETFRNLKYEVRNKNDLTREEIVELMRDVSKEDH
SKRSSFVCVLLSHGEEGIIFGTNGPVDLKKITNFFRGDRCRSLTGKPKLFIIQACRGTELDCGIETD
;
A,C
2 'polypeptide(L)'
;SGVDDDMACHKIPVEADFLYAYSTAPGYYSWRNSKDGSWFIQSLCAMLKQYADKLEFMHILTRVNRKVATEFESFSFDAT
FHAKKQIPCIVSMLTKELYFYHHHHHHH
;
B,D
3 'polypeptide(L)' (ACE)IEPD E,F
#
loop_
_chem_comp.id
_chem_comp.type
_chem_comp.name
_chem_comp.formula
ACE non-polymer 'ACETYL GROUP' 'C2 H4 O'
#
# COMPACT_ATOMS: atom_id res chain seq x y z
N ASP A 6 12.39 15.96 -12.30
CA ASP A 6 13.48 14.97 -12.06
C ASP A 6 12.92 13.83 -11.20
N ASN A 7 12.44 14.19 -10.01
CA ASN A 7 11.86 13.22 -9.10
C ASN A 7 10.35 13.23 -9.23
N SER A 8 9.86 13.81 -10.34
CA SER A 8 8.43 13.91 -10.60
C SER A 8 8.05 13.43 -11.99
N TYR A 9 6.90 12.76 -12.07
CA TYR A 9 6.42 12.28 -13.36
C TYR A 9 6.17 13.46 -14.28
N LYS A 10 6.41 13.27 -15.56
CA LYS A 10 6.18 14.33 -16.55
C LYS A 10 4.65 14.46 -16.67
N MET A 11 4.12 15.63 -16.31
CA MET A 11 2.68 15.86 -16.38
C MET A 11 2.32 16.98 -17.35
N ASP A 12 3.21 17.26 -18.30
CA ASP A 12 2.96 18.32 -19.27
C ASP A 12 2.77 17.79 -20.68
N TYR A 13 2.29 16.56 -20.81
CA TYR A 13 2.05 16.02 -22.14
C TYR A 13 0.86 16.80 -22.69
N PRO A 14 0.52 16.61 -23.97
CA PRO A 14 -0.61 17.34 -24.56
C PRO A 14 -1.89 17.15 -23.73
N GLU A 15 -2.17 15.90 -23.35
CA GLU A 15 -3.36 15.57 -22.56
C GLU A 15 -3.00 14.98 -21.19
N MET A 16 -3.78 15.31 -20.16
CA MET A 16 -3.51 14.77 -18.84
C MET A 16 -3.70 13.26 -18.87
N GLY A 17 -4.74 12.83 -19.58
CA GLY A 17 -5.02 11.41 -19.68
C GLY A 17 -6.48 11.08 -19.48
N LEU A 18 -6.81 9.80 -19.53
CA LEU A 18 -8.17 9.34 -19.35
C LEU A 18 -8.54 9.07 -17.89
N CYS A 19 -9.83 9.20 -17.58
CA CYS A 19 -10.33 8.91 -16.24
C CYS A 19 -11.57 8.07 -16.45
N ILE A 20 -11.41 6.76 -16.31
CA ILE A 20 -12.50 5.82 -16.49
C ILE A 20 -13.17 5.56 -15.15
N ILE A 21 -14.47 5.84 -15.07
CA ILE A 21 -15.20 5.61 -13.84
C ILE A 21 -16.27 4.56 -14.08
N ILE A 22 -16.15 3.44 -13.38
CA ILE A 22 -17.11 2.36 -13.50
C ILE A 22 -17.98 2.46 -12.25
N ASN A 23 -19.23 2.88 -12.46
CA ASN A 23 -20.19 3.06 -11.39
C ASN A 23 -21.29 2.00 -11.42
N ASN A 24 -21.16 0.99 -10.56
CA ASN A 24 -22.12 -0.11 -10.47
C ASN A 24 -23.05 0.08 -9.28
N LYS A 25 -24.32 0.35 -9.56
CA LYS A 25 -25.32 0.58 -8.52
C LYS A 25 -26.29 -0.58 -8.34
N ASN A 26 -26.79 -1.12 -9.45
CA ASN A 26 -27.74 -2.21 -9.41
C ASN A 26 -27.12 -3.55 -9.77
N PHE A 27 -27.24 -4.52 -8.86
CA PHE A 27 -26.69 -5.85 -9.11
C PHE A 27 -27.78 -6.89 -9.28
N HIS A 28 -27.53 -7.86 -10.17
CA HIS A 28 -28.49 -8.92 -10.44
C HIS A 28 -28.81 -9.67 -9.14
N LYS A 29 -30.07 -10.03 -8.98
CA LYS A 29 -30.52 -10.73 -7.78
C LYS A 29 -29.62 -11.92 -7.45
N SER A 30 -29.07 -12.57 -8.48
CA SER A 30 -28.18 -13.71 -8.28
C SER A 30 -27.02 -13.34 -7.37
N THR A 31 -26.46 -12.15 -7.59
CA THR A 31 -25.35 -11.66 -6.80
C THR A 31 -25.79 -11.54 -5.34
N GLY A 32 -27.06 -11.21 -5.15
CA GLY A 32 -27.58 -11.05 -3.80
C GLY A 32 -27.06 -9.79 -3.12
N MET A 33 -26.63 -8.81 -3.91
CA MET A 33 -26.12 -7.55 -3.34
C MET A 33 -27.13 -6.42 -3.46
N THR A 34 -27.39 -5.75 -2.34
CA THR A 34 -28.33 -4.63 -2.30
C THR A 34 -27.83 -3.47 -3.13
N SER A 35 -28.75 -2.73 -3.73
CA SER A 35 -28.39 -1.58 -4.54
C SER A 35 -27.46 -0.64 -3.77
N ARG A 36 -26.44 -0.11 -4.45
CA ARG A 36 -25.47 0.78 -3.80
C ARG A 36 -25.91 2.24 -3.83
N SER A 37 -27.00 2.53 -3.13
CA SER A 37 -27.54 3.89 -3.07
C SER A 37 -26.52 4.92 -2.62
N GLY A 38 -26.40 5.98 -3.40
CA GLY A 38 -25.46 7.05 -3.08
C GLY A 38 -24.27 7.07 -4.02
N THR A 39 -24.05 5.97 -4.74
CA THR A 39 -22.91 5.92 -5.64
C THR A 39 -23.00 6.92 -6.78
N ASP A 40 -24.22 7.28 -7.19
CA ASP A 40 -24.36 8.26 -8.26
C ASP A 40 -23.79 9.59 -7.81
N VAL A 41 -23.97 9.90 -6.53
CA VAL A 41 -23.45 11.15 -6.01
C VAL A 41 -21.92 11.13 -6.14
N ASP A 42 -21.31 9.99 -5.80
CA ASP A 42 -19.87 9.82 -5.89
C ASP A 42 -19.38 9.98 -7.32
N ALA A 43 -20.00 9.24 -8.23
CA ALA A 43 -19.62 9.28 -9.64
C ALA A 43 -19.63 10.70 -10.19
N ALA A 44 -20.66 11.46 -9.82
CA ALA A 44 -20.77 12.83 -10.28
C ALA A 44 -19.70 13.71 -9.64
N ASN A 45 -19.43 13.44 -8.38
CA ASN A 45 -18.41 14.20 -7.65
C ASN A 45 -17.05 13.99 -8.33
N LEU A 46 -16.76 12.73 -8.66
CA LEU A 46 -15.51 12.33 -9.32
C LEU A 46 -15.37 13.03 -10.68
N ARG A 47 -16.41 12.90 -11.50
CA ARG A 47 -16.44 13.52 -12.83
C ARG A 47 -16.02 14.99 -12.76
N GLU A 48 -16.67 15.73 -11.88
CA GLU A 48 -16.37 17.14 -11.74
C GLU A 48 -14.97 17.40 -11.18
N THR A 49 -14.51 16.52 -10.28
CA THR A 49 -13.19 16.68 -9.66
C THR A 49 -12.04 16.42 -10.64
N PHE A 50 -12.17 15.39 -11.46
CA PHE A 50 -11.13 15.07 -12.42
C PHE A 50 -11.21 15.96 -13.66
N ARG A 51 -12.38 16.55 -13.89
CA ARG A 51 -12.58 17.46 -15.02
C ARG A 51 -11.76 18.71 -14.72
N ASN A 52 -11.80 19.16 -13.46
CA ASN A 52 -11.05 20.34 -13.07
C ASN A 52 -9.56 20.05 -13.06
N LEU A 53 -9.20 18.77 -13.01
CA LEU A 53 -7.79 18.37 -13.02
C LEU A 53 -7.37 18.11 -14.47
N LYS A 54 -8.23 18.54 -15.39
CA LYS A 54 -8.01 18.42 -16.83
C LYS A 54 -8.00 17.02 -17.41
N TYR A 55 -8.73 16.10 -16.79
CA TYR A 55 -8.81 14.72 -17.28
C TYR A 55 -10.03 14.51 -18.17
N GLU A 56 -9.84 13.67 -19.19
CA GLU A 56 -10.92 13.33 -20.11
C GLU A 56 -11.72 12.27 -19.38
N VAL A 57 -12.82 12.66 -18.74
CA VAL A 57 -13.63 11.72 -17.98
C VAL A 57 -14.63 10.92 -18.81
N ARG A 58 -14.64 9.60 -18.61
CA ARG A 58 -15.58 8.71 -19.30
C ARG A 58 -16.27 7.90 -18.22
N ASN A 59 -17.57 8.15 -18.06
CA ASN A 59 -18.36 7.48 -17.05
C ASN A 59 -19.12 6.29 -17.65
N LYS A 60 -19.26 5.21 -16.88
CA LYS A 60 -19.99 4.02 -17.32
C LYS A 60 -20.82 3.55 -16.15
N ASN A 61 -22.00 3.00 -16.43
CA ASN A 61 -22.88 2.54 -15.35
C ASN A 61 -23.32 1.08 -15.46
N ASP A 62 -23.50 0.47 -14.29
CA ASP A 62 -23.93 -0.92 -14.20
C ASP A 62 -23.31 -1.76 -15.31
N LEU A 63 -22.03 -2.09 -15.16
CA LEU A 63 -21.38 -2.96 -16.13
C LEU A 63 -21.24 -4.37 -15.57
N THR A 64 -21.42 -5.36 -16.43
CA THR A 64 -21.30 -6.76 -16.02
C THR A 64 -19.80 -7.04 -15.96
N ARG A 65 -19.43 -8.15 -15.33
CA ARG A 65 -18.03 -8.53 -15.23
C ARG A 65 -17.45 -8.61 -16.64
N GLU A 66 -18.20 -9.20 -17.56
CA GLU A 66 -17.73 -9.34 -18.94
C GLU A 66 -17.45 -7.96 -19.53
N GLU A 67 -18.37 -7.03 -19.33
CA GLU A 67 -18.23 -5.67 -19.85
C GLU A 67 -17.07 -4.90 -19.22
N ILE A 68 -16.82 -5.15 -17.95
CA ILE A 68 -15.72 -4.48 -17.27
C ILE A 68 -14.41 -4.89 -17.91
N VAL A 69 -14.21 -6.20 -18.05
CA VAL A 69 -13.00 -6.70 -18.66
C VAL A 69 -12.84 -6.18 -20.10
N GLU A 70 -13.91 -6.25 -20.89
CA GLU A 70 -13.84 -5.78 -22.27
C GLU A 70 -13.50 -4.30 -22.32
N LEU A 71 -14.14 -3.50 -21.48
CA LEU A 71 -13.85 -2.08 -21.46
C LEU A 71 -12.38 -1.81 -21.18
N MET A 72 -11.87 -2.41 -20.11
CA MET A 72 -10.47 -2.24 -19.73
C MET A 72 -9.55 -2.70 -20.86
N ARG A 73 -9.88 -3.84 -21.45
CA ARG A 73 -9.10 -4.37 -22.56
C ARG A 73 -8.97 -3.29 -23.65
N ASP A 74 -10.11 -2.79 -24.13
CA ASP A 74 -10.08 -1.78 -25.19
C ASP A 74 -9.37 -0.51 -24.80
N VAL A 75 -9.49 -0.12 -23.54
CA VAL A 75 -8.83 1.09 -23.09
C VAL A 75 -7.32 0.94 -23.09
N SER A 76 -6.84 -0.22 -22.64
CA SER A 76 -5.40 -0.46 -22.60
C SER A 76 -4.82 -0.50 -24.01
N LYS A 77 -5.67 -0.82 -24.99
CA LYS A 77 -5.23 -0.89 -26.37
C LYS A 77 -5.22 0.45 -27.08
N GLU A 78 -5.77 1.47 -26.44
CA GLU A 78 -5.77 2.81 -27.03
C GLU A 78 -4.36 3.35 -27.07
N ASP A 79 -4.15 4.38 -27.88
CA ASP A 79 -2.84 4.99 -28.01
C ASP A 79 -2.74 6.11 -26.98
N HIS A 80 -1.98 5.90 -25.91
CA HIS A 80 -1.85 6.91 -24.87
C HIS A 80 -0.64 7.80 -25.03
N SER A 81 0.07 7.66 -26.15
CA SER A 81 1.29 8.44 -26.40
C SER A 81 1.22 9.91 -26.03
N LYS A 82 0.07 10.54 -26.25
CA LYS A 82 -0.07 11.95 -25.95
C LYS A 82 -0.60 12.24 -24.55
N ARG A 83 -0.85 11.19 -23.78
CA ARG A 83 -1.37 11.36 -22.44
C ARG A 83 -0.31 11.23 -21.36
N SER A 84 -0.40 12.11 -20.35
CA SER A 84 0.55 12.10 -19.26
C SER A 84 0.33 10.94 -18.30
N SER A 85 -0.93 10.53 -18.12
CA SER A 85 -1.23 9.46 -17.18
C SER A 85 -2.53 8.71 -17.43
N PHE A 86 -2.89 7.84 -16.49
CA PHE A 86 -4.12 7.08 -16.58
C PHE A 86 -4.79 6.90 -15.22
N VAL A 87 -6.09 7.15 -15.17
CA VAL A 87 -6.84 7.00 -13.93
C VAL A 87 -8.09 6.16 -14.15
N CYS A 88 -8.34 5.26 -13.21
CA CYS A 88 -9.50 4.40 -13.27
C CYS A 88 -10.12 4.33 -11.88
N VAL A 89 -11.41 4.62 -11.81
CA VAL A 89 -12.14 4.58 -10.55
C VAL A 89 -13.21 3.51 -10.61
N LEU A 90 -13.25 2.68 -9.59
CA LEU A 90 -14.20 1.58 -9.51
C LEU A 90 -15.09 1.75 -8.29
N LEU A 91 -16.38 1.92 -8.54
CA LEU A 91 -17.38 2.11 -7.48
C LEU A 91 -18.32 0.91 -7.53
N SER A 92 -18.21 0.03 -6.56
CA SER A 92 -19.05 -1.15 -6.56
C SER A 92 -18.79 -2.00 -5.33
N HIS A 93 -19.47 -3.15 -5.28
N HIS A 93 -19.45 -3.15 -5.28
CA HIS A 93 -19.29 -4.10 -4.20
CA HIS A 93 -19.27 -4.08 -4.18
C HIS A 93 -18.01 -4.87 -4.50
C HIS A 93 -17.98 -4.84 -4.49
N GLY A 94 -17.43 -5.50 -3.47
CA GLY A 94 -16.21 -6.25 -3.68
C GLY A 94 -15.76 -7.07 -2.48
N GLU A 95 -14.65 -7.78 -2.66
CA GLU A 95 -14.06 -8.61 -1.64
C GLU A 95 -12.55 -8.41 -1.79
N GLU A 96 -11.77 -9.07 -0.93
CA GLU A 96 -10.32 -8.92 -1.01
C GLU A 96 -9.82 -9.28 -2.41
N GLY A 97 -9.22 -8.30 -3.08
CA GLY A 97 -8.67 -8.52 -4.41
C GLY A 97 -9.71 -8.76 -5.50
N ILE A 98 -10.96 -8.44 -5.20
CA ILE A 98 -12.04 -8.66 -6.15
C ILE A 98 -13.01 -7.47 -6.25
N ILE A 99 -13.48 -7.23 -7.47
CA ILE A 99 -14.43 -6.14 -7.72
C ILE A 99 -15.63 -6.79 -8.39
N PHE A 100 -16.83 -6.35 -8.03
CA PHE A 100 -18.02 -6.97 -8.59
C PHE A 100 -18.67 -6.31 -9.81
N GLY A 101 -18.99 -7.15 -10.79
CA GLY A 101 -19.71 -6.68 -11.94
C GLY A 101 -21.13 -6.80 -11.53
N THR A 102 -22.05 -6.27 -12.33
CA THR A 102 -23.45 -6.35 -11.96
C THR A 102 -23.89 -7.81 -11.83
N ASN A 103 -23.25 -8.70 -12.59
CA ASN A 103 -23.63 -10.10 -12.59
C ASN A 103 -22.65 -11.03 -11.89
N GLY A 104 -21.58 -10.48 -11.34
CA GLY A 104 -20.61 -11.33 -10.67
C GLY A 104 -19.26 -10.69 -10.45
N PRO A 105 -18.39 -11.33 -9.66
CA PRO A 105 -17.05 -10.83 -9.36
C PRO A 105 -16.01 -11.00 -10.45
N VAL A 106 -14.97 -10.19 -10.36
CA VAL A 106 -13.84 -10.21 -11.30
C VAL A 106 -12.58 -9.79 -10.54
N ASP A 107 -11.53 -10.60 -10.65
CA ASP A 107 -10.27 -10.32 -9.98
C ASP A 107 -9.71 -8.97 -10.39
N LEU A 108 -9.34 -8.15 -9.41
CA LEU A 108 -8.78 -6.84 -9.70
C LEU A 108 -7.49 -6.99 -10.51
N LYS A 109 -6.78 -8.08 -10.25
CA LYS A 109 -5.54 -8.31 -10.97
C LYS A 109 -5.79 -8.40 -12.48
N LYS A 110 -6.85 -9.10 -12.88
CA LYS A 110 -7.16 -9.26 -14.30
C LYS A 110 -7.36 -7.93 -15.03
N ILE A 111 -7.84 -6.93 -14.31
CA ILE A 111 -8.08 -5.60 -14.85
C ILE A 111 -6.77 -4.82 -14.96
N THR A 112 -5.99 -4.80 -13.88
CA THR A 112 -4.73 -4.06 -13.85
C THR A 112 -3.65 -4.60 -14.77
N ASN A 113 -3.68 -5.91 -15.04
CA ASN A 113 -2.67 -6.51 -15.91
C ASN A 113 -2.66 -5.90 -17.31
N PHE A 114 -3.82 -5.50 -17.79
CA PHE A 114 -3.94 -4.90 -19.11
C PHE A 114 -3.06 -3.65 -19.20
N PHE A 115 -2.77 -3.04 -18.07
CA PHE A 115 -1.98 -1.82 -18.07
C PHE A 115 -0.51 -1.99 -17.70
N ARG A 116 -0.08 -3.25 -17.52
CA ARG A 116 1.31 -3.54 -17.18
C ARG A 116 2.26 -2.86 -18.15
N GLY A 117 3.39 -2.38 -17.63
CA GLY A 117 4.37 -1.68 -18.44
C GLY A 117 4.76 -2.39 -19.72
N ASP A 118 4.53 -3.69 -19.78
CA ASP A 118 4.88 -4.44 -20.97
C ASP A 118 3.69 -4.81 -21.86
N ARG A 119 2.48 -4.46 -21.43
CA ARG A 119 1.28 -4.78 -22.21
C ARG A 119 0.60 -3.53 -22.74
N CYS A 120 1.01 -2.37 -22.21
CA CYS A 120 0.49 -1.09 -22.65
C CYS A 120 1.69 -0.16 -22.77
N ARG A 121 2.40 -0.30 -23.88
CA ARG A 121 3.61 0.49 -24.12
C ARG A 121 3.41 2.01 -24.09
N SER A 122 2.23 2.49 -24.50
CA SER A 122 2.01 3.94 -24.49
C SER A 122 1.95 4.53 -23.08
N LEU A 123 1.72 3.68 -22.08
CA LEU A 123 1.67 4.16 -20.70
C LEU A 123 2.92 3.75 -19.89
N THR A 124 3.86 3.04 -20.50
CA THR A 124 5.07 2.62 -19.79
C THR A 124 5.77 3.84 -19.18
N GLY A 125 6.07 3.76 -17.90
CA GLY A 125 6.73 4.88 -17.25
C GLY A 125 5.77 6.01 -16.89
N LYS A 126 4.49 5.78 -17.07
CA LYS A 126 3.50 6.80 -16.74
C LYS A 126 2.66 6.29 -15.60
N PRO A 127 2.33 7.18 -14.66
CA PRO A 127 1.52 6.80 -13.51
C PRO A 127 0.12 6.28 -13.85
N LYS A 128 -0.14 5.06 -13.40
CA LYS A 128 -1.40 4.36 -13.59
C LYS A 128 -2.09 4.31 -12.23
N LEU A 129 -3.14 5.12 -12.06
CA LEU A 129 -3.88 5.21 -10.80
C LEU A 129 -5.21 4.49 -10.78
N PHE A 130 -5.40 3.66 -9.77
CA PHE A 130 -6.64 2.91 -9.61
C PHE A 130 -7.27 3.22 -8.25
N ILE A 131 -8.42 3.89 -8.29
CA ILE A 131 -9.14 4.27 -7.08
C ILE A 131 -10.26 3.27 -6.90
N ILE A 132 -10.22 2.53 -5.79
CA ILE A 132 -11.19 1.48 -5.52
C ILE A 132 -12.12 1.68 -4.33
N GLN A 133 -13.39 1.92 -4.59
CA GLN A 133 -14.38 2.07 -3.54
C GLN A 133 -15.17 0.79 -3.54
N ALA A 134 -14.83 -0.10 -2.62
CA ALA A 134 -15.47 -1.40 -2.54
C ALA A 134 -14.98 -2.10 -1.29
N CYS A 135 -15.75 -3.07 -0.83
CA CYS A 135 -15.38 -3.81 0.34
C CYS A 135 -14.23 -4.76 -0.02
N ARG A 136 -13.41 -5.11 0.99
CA ARG A 136 -12.27 -6.00 0.80
C ARG A 136 -12.40 -7.13 1.84
N GLY A 137 -13.63 -7.35 2.30
CA GLY A 137 -13.90 -8.37 3.29
C GLY A 137 -15.05 -7.94 4.20
N THR A 138 -15.28 -8.67 5.27
CA THR A 138 -16.37 -8.34 6.19
C THR A 138 -15.90 -8.05 7.61
N GLU A 139 -14.68 -7.54 7.76
CA GLU A 139 -14.20 -7.23 9.10
C GLU A 139 -14.71 -5.85 9.49
N LEU A 140 -15.02 -5.68 10.77
CA LEU A 140 -15.54 -4.42 11.29
C LEU A 140 -14.52 -3.77 12.22
N ASP A 141 -14.23 -2.49 12.01
CA ASP A 141 -13.28 -1.76 12.86
C ASP A 141 -14.08 -0.95 13.87
N CYS A 142 -14.02 -1.34 15.14
CA CYS A 142 -14.75 -0.63 16.17
C CYS A 142 -13.98 0.59 16.66
N GLY A 143 -12.74 0.70 16.21
CA GLY A 143 -11.92 1.83 16.60
C GLY A 143 -11.61 1.91 18.08
N ILE A 144 -10.88 2.95 18.46
CA ILE A 144 -10.49 3.18 19.83
C ILE A 144 -10.66 4.66 20.14
N GLU A 145 -11.17 4.95 21.33
CA GLU A 145 -11.42 6.31 21.77
C GLU A 145 -10.09 7.06 21.94
N THR A 146 -10.14 8.38 21.77
CA THR A 146 -8.94 9.22 21.89
C THR A 146 -9.15 10.40 22.84
N LYS B 11 16.03 -1.69 -17.93
CA LYS B 11 14.63 -2.06 -17.90
C LYS B 11 13.93 -1.55 -16.64
N ILE B 12 12.60 -1.68 -16.62
CA ILE B 12 11.79 -1.25 -15.49
C ILE B 12 10.81 -2.38 -15.20
N PRO B 13 10.46 -2.60 -13.93
CA PRO B 13 9.53 -3.67 -13.61
C PRO B 13 8.19 -3.43 -14.31
N VAL B 14 7.51 -4.50 -14.70
CA VAL B 14 6.22 -4.37 -15.36
C VAL B 14 5.14 -3.98 -14.34
N GLU B 15 5.46 -4.10 -13.06
CA GLU B 15 4.52 -3.76 -12.00
C GLU B 15 4.77 -2.37 -11.43
N ALA B 16 5.76 -1.67 -11.97
CA ALA B 16 6.07 -0.34 -11.49
C ALA B 16 5.13 0.73 -12.03
N ASP B 17 5.15 1.89 -11.38
CA ASP B 17 4.34 3.04 -11.76
C ASP B 17 2.84 2.85 -11.59
N PHE B 18 2.47 2.06 -10.58
CA PHE B 18 1.08 1.79 -10.24
C PHE B 18 0.84 2.37 -8.85
N LEU B 19 -0.36 2.87 -8.65
CA LEU B 19 -0.78 3.43 -7.37
C LEU B 19 -2.21 2.94 -7.19
N TYR B 20 -2.45 2.19 -6.11
CA TYR B 20 -3.79 1.68 -5.83
C TYR B 20 -4.29 2.40 -4.58
N ALA B 21 -5.32 3.23 -4.76
CA ALA B 21 -5.90 3.96 -3.65
C ALA B 21 -7.18 3.24 -3.22
N TYR B 22 -7.02 2.38 -2.21
CA TYR B 22 -8.12 1.60 -1.66
C TYR B 22 -8.88 2.41 -0.62
N SER B 23 -10.19 2.22 -0.55
CA SER B 23 -11.03 2.95 0.40
C SER B 23 -10.96 2.42 1.82
N THR B 24 -10.57 1.15 1.95
CA THR B 24 -10.50 0.52 3.27
C THR B 24 -9.32 -0.45 3.37
N ALA B 25 -8.97 -0.81 4.60
CA ALA B 25 -7.87 -1.73 4.87
C ALA B 25 -8.19 -3.13 4.39
N PRO B 26 -7.15 -3.94 4.12
CA PRO B 26 -7.37 -5.31 3.64
C PRO B 26 -8.28 -6.09 4.60
N GLY B 27 -9.23 -6.82 4.03
CA GLY B 27 -10.14 -7.62 4.83
C GLY B 27 -11.32 -6.91 5.47
N TYR B 28 -11.36 -5.57 5.40
CA TYR B 28 -12.46 -4.83 6.03
C TYR B 28 -13.57 -4.31 5.12
N TYR B 29 -14.69 -3.95 5.76
CA TYR B 29 -15.85 -3.38 5.09
C TYR B 29 -15.48 -1.97 4.71
N SER B 30 -16.16 -1.43 3.70
CA SER B 30 -15.97 -0.06 3.27
C SER B 30 -17.36 0.58 3.47
N TRP B 31 -17.43 1.75 4.09
CA TRP B 31 -18.73 2.38 4.34
C TRP B 31 -19.21 3.42 3.34
N ARG B 32 -20.53 3.45 3.13
CA ARG B 32 -21.14 4.39 2.19
C ARG B 32 -22.42 5.02 2.75
N ASN B 33 -22.55 6.32 2.54
CA ASN B 33 -23.73 7.03 3.00
C ASN B 33 -24.72 7.08 1.83
N SER B 34 -25.89 6.50 2.02
CA SER B 34 -26.93 6.44 0.99
C SER B 34 -27.29 7.77 0.33
N LYS B 35 -26.96 8.89 0.97
CA LYS B 35 -27.28 10.17 0.40
C LYS B 35 -26.09 11.05 0.08
N ASP B 36 -25.03 10.94 0.90
CA ASP B 36 -23.84 11.75 0.67
C ASP B 36 -22.76 11.01 -0.12
N GLY B 37 -22.94 9.71 -0.33
CA GLY B 37 -21.96 8.93 -1.08
C GLY B 37 -20.99 8.24 -0.13
N SER B 38 -20.05 7.46 -0.66
CA SER B 38 -19.09 6.75 0.19
C SER B 38 -18.13 7.72 0.88
N TRP B 39 -17.79 7.42 2.14
CA TRP B 39 -16.87 8.25 2.92
C TRP B 39 -15.58 8.52 2.15
N PHE B 40 -15.01 7.48 1.55
CA PHE B 40 -13.75 7.60 0.82
C PHE B 40 -13.84 8.57 -0.36
N ILE B 41 -14.78 8.34 -1.27
CA ILE B 41 -14.92 9.23 -2.44
C ILE B 41 -15.20 10.67 -2.06
N GLN B 42 -16.03 10.91 -1.04
CA GLN B 42 -16.33 12.28 -0.62
C GLN B 42 -15.08 12.98 -0.15
N SER B 43 -14.28 12.30 0.67
CA SER B 43 -13.06 12.90 1.19
C SER B 43 -12.03 13.13 0.09
N LEU B 44 -11.87 12.14 -0.77
CA LEU B 44 -10.91 12.22 -1.86
C LEU B 44 -11.15 13.45 -2.73
N CYS B 45 -12.38 13.58 -3.23
CA CYS B 45 -12.72 14.74 -4.07
C CYS B 45 -12.49 16.05 -3.32
N ALA B 46 -12.85 16.08 -2.04
CA ALA B 46 -12.64 17.31 -1.26
C ALA B 46 -11.15 17.61 -1.04
N MET B 47 -10.33 16.58 -0.76
CA MET B 47 -8.91 16.86 -0.56
C MET B 47 -8.28 17.25 -1.91
N LEU B 48 -8.69 16.61 -3.01
CA LEU B 48 -8.13 16.97 -4.31
C LEU B 48 -8.48 18.40 -4.66
N LYS B 49 -9.73 18.79 -4.44
CA LYS B 49 -10.15 20.15 -4.74
C LYS B 49 -9.37 21.17 -3.92
N GLN B 50 -9.15 20.85 -2.64
CA GLN B 50 -8.43 21.76 -1.75
C GLN B 50 -6.91 21.76 -1.83
N TYR B 51 -6.30 20.66 -2.26
CA TYR B 51 -4.82 20.59 -2.31
C TYR B 51 -4.16 20.18 -3.63
N ALA B 52 -4.93 19.76 -4.61
CA ALA B 52 -4.38 19.32 -5.89
C ALA B 52 -3.43 20.33 -6.53
N ASP B 53 -3.48 21.59 -6.10
CA ASP B 53 -2.59 22.58 -6.69
C ASP B 53 -1.47 22.97 -5.74
N LYS B 54 -1.24 22.17 -4.71
CA LYS B 54 -0.17 22.53 -3.80
C LYS B 54 0.55 21.34 -3.18
N LEU B 55 -0.12 20.19 -3.12
CA LEU B 55 0.47 19.00 -2.53
C LEU B 55 0.69 17.88 -3.54
N GLU B 56 1.65 17.03 -3.21
CA GLU B 56 1.97 15.88 -4.05
C GLU B 56 0.89 14.86 -3.72
N PHE B 57 0.59 13.98 -4.65
CA PHE B 57 -0.48 13.02 -4.42
C PHE B 57 -0.42 12.16 -3.16
N MET B 58 0.76 11.67 -2.77
CA MET B 58 0.85 10.85 -1.54
C MET B 58 0.44 11.68 -0.31
N HIS B 59 0.77 12.97 -0.33
CA HIS B 59 0.43 13.83 0.79
C HIS B 59 -1.06 14.17 0.77
N ILE B 60 -1.65 14.19 -0.42
CA ILE B 60 -3.07 14.46 -0.54
C ILE B 60 -3.82 13.25 0.02
N LEU B 61 -3.45 12.06 -0.43
CA LEU B 61 -4.09 10.84 0.04
C LEU B 61 -3.94 10.63 1.54
N THR B 62 -2.88 11.18 2.13
CA THR B 62 -2.68 11.05 3.58
C THR B 62 -3.77 11.90 4.26
N ARG B 63 -4.06 13.07 3.70
CA ARG B 63 -5.10 13.95 4.23
C ARG B 63 -6.43 13.18 4.16
N VAL B 64 -6.61 12.42 3.08
CA VAL B 64 -7.83 11.64 2.90
C VAL B 64 -7.92 10.57 3.97
N ASN B 65 -6.78 10.01 4.33
CA ASN B 65 -6.73 8.98 5.36
C ASN B 65 -7.16 9.58 6.70
N ARG B 66 -6.62 10.76 7.02
CA ARG B 66 -6.97 11.40 8.27
C ARG B 66 -8.45 11.82 8.32
N LYS B 67 -8.98 12.34 7.22
CA LYS B 67 -10.37 12.77 7.19
C LYS B 67 -11.34 11.61 7.41
N VAL B 68 -11.17 10.56 6.63
CA VAL B 68 -12.02 9.38 6.75
C VAL B 68 -11.88 8.80 8.15
N ALA B 69 -10.65 8.71 8.62
CA ALA B 69 -10.41 8.11 9.95
C ALA B 69 -10.90 8.91 11.16
N THR B 70 -10.89 10.23 11.09
CA THR B 70 -11.29 11.03 12.24
C THR B 70 -12.69 11.66 12.19
N GLU B 71 -13.15 11.99 10.99
CA GLU B 71 -14.44 12.65 10.81
C GLU B 71 -15.63 11.74 10.52
N PHE B 72 -15.40 10.45 10.34
CA PHE B 72 -16.48 9.55 10.02
C PHE B 72 -16.66 8.41 11.01
N GLU B 73 -17.92 8.11 11.32
CA GLU B 73 -18.29 7.04 12.23
C GLU B 73 -19.68 6.64 11.79
N SER B 74 -19.90 5.35 11.62
CA SER B 74 -21.20 4.88 11.16
C SER B 74 -22.31 4.96 12.20
N PHE B 75 -23.56 5.01 11.70
CA PHE B 75 -24.75 5.05 12.52
C PHE B 75 -25.72 4.06 11.88
N SER B 76 -26.18 3.10 12.67
CA SER B 76 -27.09 2.07 12.18
C SER B 76 -27.96 1.50 13.29
N PHE B 77 -29.19 1.11 12.94
CA PHE B 77 -30.11 0.51 13.90
C PHE B 77 -29.68 -0.93 14.16
N ASP B 78 -28.68 -1.36 13.39
CA ASP B 78 -28.12 -2.71 13.51
C ASP B 78 -26.78 -2.56 14.22
N ALA B 79 -26.73 -2.91 15.50
CA ALA B 79 -25.50 -2.79 16.29
C ALA B 79 -24.26 -3.25 15.52
N THR B 80 -24.41 -4.31 14.74
CA THR B 80 -23.29 -4.84 13.96
C THR B 80 -22.62 -3.79 13.08
N PHE B 81 -23.40 -2.92 12.46
CA PHE B 81 -22.83 -1.89 11.59
C PHE B 81 -22.80 -0.50 12.20
N HIS B 82 -23.17 -0.42 13.47
CA HIS B 82 -23.20 0.86 14.17
C HIS B 82 -21.88 1.21 14.86
N ALA B 83 -21.55 2.49 14.85
CA ALA B 83 -20.34 3.00 15.48
C ALA B 83 -19.07 2.34 14.97
N LYS B 84 -18.95 2.23 13.64
CA LYS B 84 -17.77 1.61 13.06
C LYS B 84 -16.86 2.67 12.45
N LYS B 85 -15.60 2.30 12.28
CA LYS B 85 -14.61 3.22 11.73
C LYS B 85 -14.02 2.68 10.44
N GLN B 86 -13.23 3.51 9.78
CA GLN B 86 -12.61 3.13 8.52
C GLN B 86 -11.32 3.93 8.28
N ILE B 87 -10.34 3.24 7.73
CA ILE B 87 -9.05 3.85 7.38
C ILE B 87 -8.74 3.38 5.95
N PRO B 88 -8.53 4.32 5.04
CA PRO B 88 -8.23 3.91 3.67
C PRO B 88 -6.82 3.29 3.58
N CYS B 89 -6.50 2.65 2.46
CA CYS B 89 -5.22 2.01 2.28
C CYS B 89 -4.54 2.42 0.98
N ILE B 90 -3.40 3.11 1.12
CA ILE B 90 -2.61 3.58 -0.01
C ILE B 90 -1.50 2.57 -0.34
N VAL B 91 -1.60 1.98 -1.52
CA VAL B 91 -0.62 0.99 -1.97
C VAL B 91 0.13 1.62 -3.14
N SER B 92 1.38 2.02 -2.91
CA SER B 92 2.13 2.66 -4.00
C SER B 92 3.41 1.98 -4.51
N MET B 93 3.38 1.73 -5.81
CA MET B 93 4.49 1.15 -6.57
C MET B 93 4.93 2.25 -7.52
N LEU B 94 4.78 3.51 -7.10
CA LEU B 94 5.21 4.59 -7.97
C LEU B 94 6.70 4.83 -7.80
N THR B 95 7.35 5.35 -8.84
CA THR B 95 8.78 5.60 -8.79
C THR B 95 9.12 7.08 -8.74
N LYS B 96 8.09 7.92 -8.81
CA LYS B 96 8.28 9.37 -8.75
C LYS B 96 7.11 10.05 -8.07
N GLU B 97 7.29 11.33 -7.76
CA GLU B 97 6.26 12.11 -7.10
C GLU B 97 5.25 12.53 -8.16
N LEU B 98 3.97 12.60 -7.77
CA LEU B 98 2.91 12.97 -8.70
C LEU B 98 2.18 14.26 -8.31
N TYR B 99 2.16 15.21 -9.24
CA TYR B 99 1.53 16.51 -9.06
C TYR B 99 0.49 16.69 -10.15
N PHE B 100 -0.71 17.16 -9.78
CA PHE B 100 -1.77 17.36 -10.75
C PHE B 100 -1.80 18.77 -11.32
N TYR B 101 -0.68 19.47 -11.21
CA TYR B 101 -0.57 20.82 -11.74
C TYR B 101 0.88 21.27 -11.83
N ASN C 7 -0.29 18.61 8.06
CA ASN C 7 -0.20 18.12 9.43
C ASN C 7 0.72 16.89 9.52
N SER C 8 1.48 16.80 10.59
CA SER C 8 2.40 15.68 10.74
C SER C 8 2.56 15.18 12.17
N TYR C 9 2.91 13.90 12.27
CA TYR C 9 3.10 13.25 13.56
C TYR C 9 4.05 14.00 14.46
N LYS C 10 3.76 13.96 15.76
CA LYS C 10 4.60 14.61 16.76
C LYS C 10 5.81 13.67 16.91
N MET C 11 7.00 14.18 16.61
CA MET C 11 8.23 13.37 16.69
C MET C 11 9.26 13.95 17.64
N ASP C 12 8.80 14.81 18.53
CA ASP C 12 9.68 15.45 19.49
C ASP C 12 9.47 14.91 20.91
N TYR C 13 9.03 13.66 21.02
CA TYR C 13 8.86 13.05 22.33
C TYR C 13 10.26 12.83 22.88
N PRO C 14 10.39 12.48 24.16
CA PRO C 14 11.73 12.27 24.73
C PRO C 14 12.56 11.29 23.90
N GLU C 15 11.93 10.20 23.47
CA GLU C 15 12.60 9.17 22.67
C GLU C 15 11.93 8.96 21.31
N MET C 16 12.73 8.71 20.27
CA MET C 16 12.19 8.46 18.94
C MET C 16 11.39 7.16 18.94
N GLY C 17 11.85 6.18 19.69
CA GLY C 17 11.15 4.91 19.76
C GLY C 17 12.05 3.71 19.55
N LEU C 18 11.45 2.52 19.55
CA LEU C 18 12.20 1.32 19.36
C LEU C 18 12.32 0.90 17.90
N CYS C 19 13.38 0.16 17.59
CA CYS C 19 13.57 -0.37 16.24
C CYS C 19 13.97 -1.83 16.44
N ILE C 20 12.99 -2.72 16.31
CA ILE C 20 13.20 -4.15 16.46
C ILE C 20 13.56 -4.74 15.11
N ILE C 21 14.69 -5.45 15.04
CA ILE C 21 15.11 -6.06 13.78
C ILE C 21 15.19 -7.55 13.97
N ILE C 22 14.39 -8.29 13.21
CA ILE C 22 14.45 -9.74 13.30
C ILE C 22 15.19 -10.22 12.07
N ASN C 23 16.37 -10.75 12.31
CA ASN C 23 17.22 -11.22 11.23
C ASN C 23 17.33 -12.74 11.24
N ASN C 24 16.60 -13.38 10.34
CA ASN C 24 16.61 -14.84 10.23
C ASN C 24 17.45 -15.24 9.02
N LYS C 25 18.57 -15.92 9.29
CA LYS C 25 19.49 -16.35 8.25
C LYS C 25 19.46 -17.85 8.00
N ASN C 26 19.47 -18.62 9.08
CA ASN C 26 19.47 -20.09 9.01
C ASN C 26 18.12 -20.69 9.36
N PHE C 27 17.56 -21.48 8.44
CA PHE C 27 16.25 -22.10 8.65
C PHE C 27 16.35 -23.60 8.79
N HIS C 28 15.39 -24.20 9.49
CA HIS C 28 15.36 -25.65 9.68
C HIS C 28 15.12 -26.29 8.34
N LYS C 29 15.86 -27.37 8.06
CA LYS C 29 15.74 -28.10 6.81
C LYS C 29 14.30 -28.48 6.48
N SER C 30 13.42 -28.48 7.48
CA SER C 30 12.02 -28.82 7.26
C SER C 30 11.34 -27.79 6.36
N THR C 31 11.77 -26.53 6.47
CA THR C 31 11.19 -25.47 5.65
C THR C 31 11.72 -25.55 4.23
N GLY C 32 12.88 -26.21 4.08
CA GLY C 32 13.48 -26.33 2.76
C GLY C 32 13.99 -24.99 2.25
N MET C 33 14.25 -24.06 3.15
CA MET C 33 14.75 -22.74 2.76
C MET C 33 16.26 -22.65 2.90
N THR C 34 16.91 -22.16 1.85
CA THR C 34 18.36 -22.02 1.86
C THR C 34 18.78 -20.82 2.70
N SER C 35 19.92 -20.95 3.36
CA SER C 35 20.43 -19.87 4.19
C SER C 35 20.38 -18.54 3.43
N ARG C 36 19.97 -17.48 4.11
CA ARG C 36 19.85 -16.16 3.50
C ARG C 36 21.15 -15.34 3.59
N SER C 37 22.12 -15.73 2.79
CA SER C 37 23.44 -15.06 2.73
C SER C 37 23.31 -13.58 2.41
N GLY C 38 24.00 -12.75 3.18
CA GLY C 38 23.96 -11.31 2.96
C GLY C 38 23.02 -10.56 3.88
N THR C 39 22.14 -11.28 4.58
CA THR C 39 21.19 -10.62 5.47
C THR C 39 21.89 -9.95 6.65
N ASP C 40 23.03 -10.50 7.07
CA ASP C 40 23.77 -9.90 8.18
C ASP C 40 24.25 -8.51 7.76
N VAL C 41 24.50 -8.35 6.46
CA VAL C 41 24.94 -7.06 5.96
C VAL C 41 23.77 -6.07 6.08
N ASP C 42 22.57 -6.56 5.80
CA ASP C 42 21.37 -5.72 5.87
C ASP C 42 21.13 -5.34 7.33
N ALA C 43 21.11 -6.34 8.20
CA ALA C 43 20.87 -6.11 9.62
C ALA C 43 21.80 -5.06 10.18
N ALA C 44 23.06 -5.10 9.78
CA ALA C 44 24.05 -4.13 10.27
C ALA C 44 23.86 -2.75 9.67
N ASN C 45 23.50 -2.70 8.39
CA ASN C 45 23.26 -1.45 7.69
C ASN C 45 22.06 -0.76 8.41
N LEU C 46 20.99 -1.53 8.63
CA LEU C 46 19.79 -1.05 9.31
C LEU C 46 20.10 -0.54 10.72
N ARG C 47 20.85 -1.32 11.48
CA ARG C 47 21.23 -0.93 12.84
C ARG C 47 21.89 0.44 12.83
N GLU C 48 22.86 0.62 11.94
CA GLU C 48 23.58 1.89 11.85
C GLU C 48 22.71 3.02 11.35
N THR C 49 21.84 2.72 10.39
CA THR C 49 20.94 3.72 9.80
C THR C 49 19.95 4.27 10.81
N PHE C 50 19.30 3.38 11.56
CA PHE C 50 18.32 3.81 12.54
C PHE C 50 18.93 4.41 13.80
N ARG C 51 20.20 4.10 14.05
CA ARG C 51 20.92 4.65 15.20
C ARG C 51 21.10 6.13 14.93
N ASN C 52 21.46 6.45 13.68
CA ASN C 52 21.65 7.84 13.29
C ASN C 52 20.33 8.61 13.30
N LEU C 53 19.21 7.89 13.27
CA LEU C 53 17.88 8.50 13.30
C LEU C 53 17.40 8.55 14.75
N LYS C 54 18.30 8.20 15.66
CA LYS C 54 18.06 8.21 17.10
C LYS C 54 17.08 7.17 17.64
N TYR C 55 17.01 6.02 16.99
CA TYR C 55 16.14 4.95 17.47
C TYR C 55 16.93 4.00 18.34
N GLU C 56 16.23 3.39 19.27
CA GLU C 56 16.81 2.42 20.18
C GLU C 56 16.71 1.12 19.42
N VAL C 57 17.81 0.70 18.79
CA VAL C 57 17.83 -0.51 17.98
C VAL C 57 18.06 -1.80 18.79
N ARG C 58 17.24 -2.82 18.52
CA ARG C 58 17.33 -4.12 19.16
C ARG C 58 17.34 -5.18 18.06
N ASN C 59 18.47 -5.87 17.91
CA ASN C 59 18.64 -6.89 16.88
C ASN C 59 18.40 -8.29 17.45
N LYS C 60 17.75 -9.16 16.68
CA LYS C 60 17.51 -10.52 17.12
C LYS C 60 17.83 -11.43 15.96
N ASN C 61 18.47 -12.57 16.20
CA ASN C 61 18.81 -13.45 15.09
C ASN C 61 18.19 -14.84 15.17
N ASP C 62 17.94 -15.46 14.01
CA ASP C 62 17.36 -16.80 13.91
C ASP C 62 16.36 -17.06 15.05
N LEU C 63 15.14 -16.54 14.90
CA LEU C 63 14.07 -16.73 15.89
C LEU C 63 13.05 -17.69 15.32
N THR C 64 12.48 -18.53 16.18
CA THR C 64 11.47 -19.48 15.74
C THR C 64 10.19 -18.66 15.60
N ARG C 65 9.19 -19.21 14.93
CA ARG C 65 7.95 -18.48 14.76
C ARG C 65 7.35 -18.17 16.13
N GLU C 66 7.52 -19.09 17.07
CA GLU C 66 7.01 -18.88 18.42
C GLU C 66 7.74 -17.71 19.07
N GLU C 67 9.07 -17.67 18.93
CA GLU C 67 9.86 -16.60 19.52
C GLU C 67 9.50 -15.24 18.94
N ILE C 68 9.20 -15.20 17.65
CA ILE C 68 8.81 -13.95 17.01
C ILE C 68 7.53 -13.43 17.67
N VAL C 69 6.56 -14.32 17.83
CA VAL C 69 5.29 -13.95 18.45
C VAL C 69 5.46 -13.37 19.85
N GLU C 70 6.10 -14.10 20.76
CA GLU C 70 6.29 -13.61 22.12
C GLU C 70 7.11 -12.33 22.14
N LEU C 71 8.02 -12.20 21.17
CA LEU C 71 8.86 -11.01 21.08
C LEU C 71 8.00 -9.75 20.87
N MET C 72 7.17 -9.79 19.84
CA MET C 72 6.29 -8.68 19.54
C MET C 72 5.27 -8.51 20.66
N ARG C 73 4.80 -9.63 21.19
CA ARG C 73 3.84 -9.60 22.27
C ARG C 73 4.45 -8.81 23.42
N ASP C 74 5.63 -9.19 23.88
CA ASP C 74 6.26 -8.47 24.98
C ASP C 74 6.61 -7.04 24.64
N VAL C 75 7.05 -6.79 23.41
CA VAL C 75 7.40 -5.42 23.04
C VAL C 75 6.16 -4.52 23.05
N SER C 76 5.02 -5.07 22.65
CA SER C 76 3.80 -4.27 22.62
C SER C 76 3.26 -4.03 24.03
N LYS C 77 3.67 -4.87 24.97
CA LYS C 77 3.23 -4.74 26.35
C LYS C 77 4.05 -3.67 27.06
N GLU C 78 5.13 -3.23 26.43
CA GLU C 78 5.96 -2.20 27.03
C GLU C 78 5.22 -0.87 27.07
N ASP C 79 5.82 0.10 27.74
CA ASP C 79 5.24 1.43 27.85
C ASP C 79 5.95 2.36 26.87
N HIS C 80 5.25 2.76 25.81
CA HIS C 80 5.84 3.64 24.80
C HIS C 80 5.48 5.10 24.98
N SER C 81 4.85 5.42 26.11
CA SER C 81 4.44 6.79 26.41
C SER C 81 5.45 7.86 26.07
N LYS C 82 6.72 7.58 26.27
CA LYS C 82 7.74 8.58 25.98
C LYS C 82 8.40 8.41 24.62
N ARG C 83 7.89 7.48 23.84
CA ARG C 83 8.44 7.24 22.51
C ARG C 83 7.53 7.81 21.43
N SER C 84 8.13 8.47 20.45
CA SER C 84 7.39 9.07 19.36
C SER C 84 6.84 8.04 18.40
N SER C 85 7.51 6.90 18.26
CA SER C 85 7.05 5.90 17.31
C SER C 85 7.56 4.49 17.54
N PHE C 86 7.27 3.61 16.59
CA PHE C 86 7.70 2.22 16.65
C PHE C 86 8.09 1.70 15.27
N VAL C 87 9.22 1.01 15.21
CA VAL C 87 9.70 0.43 13.96
C VAL C 87 10.10 -1.03 14.16
N CYS C 88 9.70 -1.85 13.20
CA CYS C 88 10.02 -3.26 13.20
C CYS C 88 10.42 -3.66 11.79
N VAL C 89 11.60 -4.27 11.68
CA VAL C 89 12.14 -4.72 10.39
C VAL C 89 12.23 -6.24 10.44
N LEU C 90 11.70 -6.88 9.41
CA LEU C 90 11.70 -8.34 9.31
C LEU C 90 12.52 -8.76 8.10
N LEU C 91 13.57 -9.54 8.33
CA LEU C 91 14.46 -10.02 7.26
C LEU C 91 14.37 -11.54 7.27
N SER C 92 13.70 -12.11 6.28
CA SER C 92 13.52 -13.55 6.26
C SER C 92 12.83 -14.02 4.99
N HIS C 93 12.48 -15.30 4.96
N HIS C 93 12.47 -15.30 4.97
CA HIS C 93 11.77 -15.84 3.81
CA HIS C 93 11.74 -15.85 3.82
C HIS C 93 10.30 -15.52 4.08
C HIS C 93 10.28 -15.53 4.09
N GLY C 94 9.46 -15.63 3.07
CA GLY C 94 8.05 -15.35 3.25
C GLY C 94 7.19 -15.72 2.06
N GLU C 95 5.89 -15.51 2.23
CA GLU C 95 4.88 -15.76 1.22
C GLU C 95 3.89 -14.64 1.40
N GLU C 96 2.87 -14.56 0.56
CA GLU C 96 1.89 -13.48 0.69
C GLU C 96 1.30 -13.45 2.09
N GLY C 97 1.42 -12.31 2.75
CA GLY C 97 0.89 -12.14 4.09
C GLY C 97 1.53 -13.03 5.13
N ILE C 98 2.72 -13.56 4.81
CA ILE C 98 3.40 -14.46 5.73
C ILE C 98 4.89 -14.20 5.89
N ILE C 99 5.37 -14.35 7.11
CA ILE C 99 6.79 -14.18 7.43
C ILE C 99 7.24 -15.50 8.04
N PHE C 100 8.44 -15.92 7.69
CA PHE C 100 8.94 -17.20 8.18
C PHE C 100 9.85 -17.15 9.41
N GLY C 101 9.50 -17.97 10.39
CA GLY C 101 10.32 -18.08 11.53
C GLY C 101 11.33 -19.15 11.12
N THR C 102 12.35 -19.42 11.94
CA THR C 102 13.35 -20.41 11.58
C THR C 102 12.75 -21.79 11.37
N ASN C 103 11.73 -22.13 12.15
CA ASN C 103 11.11 -23.44 12.07
C ASN C 103 9.76 -23.43 11.38
N GLY C 104 9.36 -22.27 10.86
CA GLY C 104 8.07 -22.22 10.19
C GLY C 104 7.46 -20.84 10.02
N PRO C 105 6.44 -20.72 9.17
CA PRO C 105 5.77 -19.45 8.89
C PRO C 105 4.82 -18.96 9.97
N VAL C 106 4.56 -17.66 9.93
CA VAL C 106 3.66 -16.99 10.86
C VAL C 106 2.97 -15.84 10.09
N ASP C 107 1.65 -15.74 10.25
CA ASP C 107 0.85 -14.72 9.59
C ASP C 107 1.33 -13.33 10.01
N LEU C 108 1.56 -12.44 9.05
CA LEU C 108 2.03 -11.10 9.39
C LEU C 108 1.01 -10.37 10.25
N LYS C 109 -0.27 -10.69 10.05
CA LYS C 109 -1.34 -10.08 10.80
C LYS C 109 -1.22 -10.42 12.29
N LYS C 110 -0.76 -11.62 12.60
CA LYS C 110 -0.61 -12.03 14.00
C LYS C 110 0.37 -11.14 14.75
N ILE C 111 1.39 -10.65 14.04
CA ILE C 111 2.39 -9.76 14.64
C ILE C 111 1.87 -8.34 14.78
N THR C 112 1.38 -7.77 13.68
CA THR C 112 0.87 -6.41 13.65
C THR C 112 -0.32 -6.15 14.59
N ASN C 113 -1.15 -7.17 14.79
CA ASN C 113 -2.32 -7.02 15.65
C ASN C 113 -1.98 -6.58 17.06
N PHE C 114 -0.80 -6.98 17.53
CA PHE C 114 -0.36 -6.63 18.88
C PHE C 114 -0.20 -5.12 19.04
N PHE C 115 -0.04 -4.42 17.92
CA PHE C 115 0.16 -2.99 17.99
C PHE C 115 -1.04 -2.13 17.59
N ARG C 116 -2.19 -2.79 17.39
CA ARG C 116 -3.41 -2.10 17.02
C ARG C 116 -3.73 -0.99 18.01
N GLY C 117 -4.31 0.08 17.50
CA GLY C 117 -4.65 1.22 18.33
C GLY C 117 -5.38 0.88 19.62
N ASP C 118 -6.10 -0.24 19.63
CA ASP C 118 -6.84 -0.63 20.82
C ASP C 118 -6.14 -1.67 21.70
N ARG C 119 -5.04 -2.23 21.21
CA ARG C 119 -4.30 -3.23 21.97
C ARG C 119 -2.99 -2.71 22.55
N CYS C 120 -2.47 -1.61 22.00
CA CYS C 120 -1.25 -1.01 22.51
C CYS C 120 -1.50 0.48 22.67
N ARG C 121 -2.12 0.85 23.79
CA ARG C 121 -2.47 2.25 24.08
C ARG C 121 -1.34 3.25 24.07
N SER C 122 -0.14 2.87 24.52
CA SER C 122 0.97 3.82 24.53
C SER C 122 1.41 4.21 23.12
N LEU C 123 0.98 3.44 22.13
CA LEU C 123 1.32 3.75 20.72
C LEU C 123 0.11 4.31 19.94
N THR C 124 -1.07 4.30 20.56
CA THR C 124 -2.25 4.82 19.89
C THR C 124 -1.97 6.22 19.34
N GLY C 125 -2.26 6.43 18.05
CA GLY C 125 -2.02 7.72 17.45
C GLY C 125 -0.58 7.97 17.02
N LYS C 126 0.28 6.98 17.20
CA LYS C 126 1.68 7.14 16.82
C LYS C 126 2.00 6.22 15.65
N PRO C 127 2.88 6.68 14.75
CA PRO C 127 3.27 5.89 13.59
C PRO C 127 3.97 4.56 13.90
N LYS C 128 3.42 3.48 13.37
CA LYS C 128 3.93 2.14 13.55
C LYS C 128 4.41 1.59 12.20
N LEU C 129 5.73 1.63 11.98
CA LEU C 129 6.32 1.18 10.72
C LEU C 129 6.83 -0.26 10.75
N PHE C 130 6.52 -0.99 9.67
CA PHE C 130 6.95 -2.36 9.52
C PHE C 130 7.64 -2.51 8.17
N ILE C 131 8.95 -2.70 8.20
CA ILE C 131 9.74 -2.87 6.99
C ILE C 131 9.89 -4.37 6.81
N ILE C 132 9.39 -4.88 5.70
CA ILE C 132 9.41 -6.32 5.43
C ILE C 132 10.25 -6.74 4.23
N GLN C 133 11.39 -7.37 4.49
CA GLN C 133 12.24 -7.86 3.41
C GLN C 133 12.00 -9.36 3.37
N ALA C 134 11.14 -9.77 2.45
CA ALA C 134 10.78 -11.17 2.29
C ALA C 134 9.96 -11.36 1.02
N CYS C 135 9.93 -12.58 0.52
CA CYS C 135 9.17 -12.89 -0.67
C CYS C 135 7.69 -12.87 -0.32
N ARG C 136 6.84 -12.60 -1.31
CA ARG C 136 5.39 -12.55 -1.15
C ARG C 136 4.76 -13.45 -2.20
N GLY C 137 5.54 -14.43 -2.65
CA GLY C 137 5.07 -15.36 -3.66
C GLY C 137 6.23 -15.79 -4.55
N THR C 138 5.94 -16.48 -5.64
CA THR C 138 7.00 -16.92 -6.53
C THR C 138 6.83 -16.40 -7.95
N GLU C 139 6.35 -15.17 -8.08
CA GLU C 139 6.18 -14.59 -9.40
C GLU C 139 7.45 -13.83 -9.75
N LEU C 140 7.78 -13.84 -11.03
CA LEU C 140 8.98 -13.21 -11.54
C LEU C 140 8.62 -12.04 -12.44
N ASP C 141 9.24 -10.88 -12.19
CA ASP C 141 9.00 -9.70 -13.00
C ASP C 141 10.16 -9.60 -14.00
N CYS C 142 9.86 -9.86 -15.27
CA CYS C 142 10.88 -9.78 -16.31
C CYS C 142 11.14 -8.34 -16.80
N GLY C 143 10.34 -7.40 -16.30
CA GLY C 143 10.49 -6.02 -16.66
C GLY C 143 10.21 -5.77 -18.14
N ILE C 144 10.34 -4.53 -18.54
CA ILE C 144 10.13 -4.08 -19.90
C ILE C 144 11.23 -3.06 -20.22
N GLU C 145 11.83 -3.17 -21.40
CA GLU C 145 12.94 -2.30 -21.79
C GLU C 145 12.61 -0.82 -21.94
N THR C 146 13.41 0.01 -21.28
CA THR C 146 13.23 1.45 -21.32
C THR C 146 14.55 2.16 -21.61
N HIS D 10 -12.52 11.99 18.51
CA HIS D 10 -13.43 11.16 19.28
C HIS D 10 -13.03 9.69 19.20
N LYS D 11 -12.84 9.18 17.99
CA LYS D 11 -12.41 7.80 17.79
C LYS D 11 -11.60 7.66 16.51
N ILE D 12 -10.67 6.71 16.52
CA ILE D 12 -9.85 6.44 15.34
C ILE D 12 -9.85 4.96 15.04
N PRO D 13 -9.70 4.60 13.77
CA PRO D 13 -9.70 3.17 13.44
C PRO D 13 -8.54 2.49 14.17
N VAL D 14 -8.72 1.21 14.52
CA VAL D 14 -7.67 0.47 15.20
C VAL D 14 -6.56 0.07 14.22
N GLU D 15 -6.87 0.10 12.93
CA GLU D 15 -5.90 -0.25 11.88
C GLU D 15 -5.20 0.99 11.35
N ALA D 16 -5.50 2.13 11.93
CA ALA D 16 -4.91 3.39 11.50
C ALA D 16 -3.50 3.60 12.05
N ASP D 17 -2.74 4.46 11.38
CA ASP D 17 -1.39 4.80 11.78
C ASP D 17 -0.34 3.69 11.56
N PHE D 18 -0.62 2.81 10.61
CA PHE D 18 0.30 1.74 10.25
C PHE D 18 0.86 2.07 8.87
N LEU D 19 2.10 1.66 8.65
CA LEU D 19 2.79 1.87 7.38
C LEU D 19 3.58 0.58 7.15
N TYR D 20 3.26 -0.12 6.08
CA TYR D 20 3.94 -1.36 5.75
C TYR D 20 4.80 -1.12 4.52
N ALA D 21 6.12 -1.17 4.70
CA ALA D 21 7.04 -0.97 3.59
C ALA D 21 7.50 -2.36 3.15
N TYR D 22 6.86 -2.87 2.10
CA TYR D 22 7.16 -4.18 1.53
C TYR D 22 8.28 -4.03 0.52
N SER D 23 9.18 -5.02 0.45
CA SER D 23 10.31 -4.97 -0.47
C SER D 23 9.90 -5.27 -1.91
N THR D 24 8.79 -5.96 -2.08
CA THR D 24 8.33 -6.34 -3.40
C THR D 24 6.80 -6.29 -3.55
N ALA D 25 6.32 -6.36 -4.79
CA ALA D 25 4.88 -6.33 -5.07
C ALA D 25 4.22 -7.62 -4.60
N PRO D 26 2.90 -7.57 -4.35
CA PRO D 26 2.17 -8.76 -3.89
C PRO D 26 2.33 -9.93 -4.87
N GLY D 27 2.62 -11.11 -4.33
CA GLY D 27 2.79 -12.29 -5.15
C GLY D 27 4.15 -12.50 -5.79
N TYR D 28 5.03 -11.49 -5.71
CA TYR D 28 6.35 -11.62 -6.32
C TYR D 28 7.52 -12.00 -5.41
N TYR D 29 8.59 -12.44 -6.05
CA TYR D 29 9.82 -12.80 -5.35
C TYR D 29 10.47 -11.49 -4.95
N SER D 30 11.32 -11.54 -3.93
CA SER D 30 12.09 -10.39 -3.49
C SER D 30 13.54 -10.86 -3.66
N TRP D 31 14.38 -10.00 -4.23
CA TRP D 31 15.78 -10.35 -4.49
C TRP D 31 16.82 -9.89 -3.47
N ARG D 32 17.83 -10.72 -3.27
CA ARG D 32 18.90 -10.45 -2.32
C ARG D 32 20.27 -10.81 -2.88
N ASN D 33 21.22 -9.90 -2.68
CA ASN D 33 22.57 -10.13 -3.15
C ASN D 33 23.31 -10.77 -1.98
N SER D 34 23.80 -12.00 -2.21
CA SER D 34 24.51 -12.76 -1.17
C SER D 34 25.64 -12.03 -0.48
N LYS D 35 26.16 -10.97 -1.10
CA LYS D 35 27.25 -10.21 -0.52
C LYS D 35 26.91 -8.79 -0.12
N ASP D 36 26.12 -8.10 -0.95
CA ASP D 36 25.73 -6.71 -0.65
C ASP D 36 24.45 -6.57 0.17
N GLY D 37 23.68 -7.66 0.27
CA GLY D 37 22.43 -7.61 1.01
C GLY D 37 21.23 -7.51 0.06
N SER D 38 20.02 -7.44 0.60
CA SER D 38 18.82 -7.33 -0.25
C SER D 38 18.80 -5.99 -0.96
N TRP D 39 18.30 -5.97 -2.20
CA TRP D 39 18.19 -4.73 -2.97
C TRP D 39 17.42 -3.67 -2.20
N PHE D 40 16.32 -4.10 -1.59
CA PHE D 40 15.44 -3.20 -0.83
C PHE D 40 16.12 -2.56 0.37
N ILE D 41 16.67 -3.37 1.27
CA ILE D 41 17.32 -2.82 2.46
C ILE D 41 18.49 -1.93 2.10
N GLN D 42 19.25 -2.34 1.08
CA GLN D 42 20.38 -1.55 0.62
C GLN D 42 19.91 -0.15 0.22
N SER D 43 18.88 -0.11 -0.62
CA SER D 43 18.35 1.17 -1.11
C SER D 43 17.65 1.98 -0.02
N LEU D 44 16.93 1.31 0.85
CA LEU D 44 16.22 1.99 1.93
C LEU D 44 17.20 2.72 2.85
N CYS D 45 18.24 2.04 3.27
CA CYS D 45 19.21 2.68 4.14
C CYS D 45 19.91 3.84 3.44
N ALA D 46 20.27 3.65 2.18
CA ALA D 46 20.91 4.71 1.41
C ALA D 46 20.00 5.94 1.29
N MET D 47 18.72 5.73 0.96
CA MET D 47 17.80 6.87 0.81
C MET D 47 17.55 7.56 2.16
N LEU D 48 17.46 6.78 3.23
CA LEU D 48 17.24 7.34 4.56
C LEU D 48 18.43 8.20 4.97
N LYS D 49 19.63 7.68 4.73
CA LYS D 49 20.84 8.41 5.08
C LYS D 49 20.94 9.70 4.32
N GLN D 50 20.59 9.66 3.04
CA GLN D 50 20.69 10.83 2.20
C GLN D 50 19.58 11.87 2.31
N TYR D 51 18.36 11.41 2.62
CA TYR D 51 17.22 12.33 2.68
C TYR D 51 16.43 12.45 3.99
N ALA D 52 16.70 11.60 4.97
CA ALA D 52 15.97 11.64 6.23
C ALA D 52 15.89 13.02 6.87
N ASP D 53 16.83 13.90 6.54
CA ASP D 53 16.82 15.23 7.14
C ASP D 53 16.19 16.26 6.20
N LYS D 54 15.73 15.81 5.04
CA LYS D 54 15.15 16.71 4.06
C LYS D 54 13.72 16.36 3.66
N LEU D 55 13.47 15.08 3.40
CA LEU D 55 12.16 14.60 2.94
C LEU D 55 11.24 13.90 3.92
N GLU D 56 9.95 13.92 3.59
CA GLU D 56 8.91 13.27 4.39
C GLU D 56 9.01 11.80 4.02
N PHE D 57 8.74 10.92 4.96
CA PHE D 57 8.87 9.48 4.73
C PHE D 57 8.28 8.91 3.44
N MET D 58 7.05 9.27 3.05
CA MET D 58 6.49 8.72 1.82
C MET D 58 7.35 9.11 0.60
N HIS D 59 7.87 10.33 0.61
CA HIS D 59 8.72 10.79 -0.48
C HIS D 59 10.06 10.02 -0.47
N ILE D 60 10.56 9.67 0.71
CA ILE D 60 11.81 8.92 0.80
C ILE D 60 11.60 7.53 0.21
N LEU D 61 10.53 6.87 0.64
CA LEU D 61 10.22 5.53 0.15
C LEU D 61 9.99 5.50 -1.36
N THR D 62 9.59 6.63 -1.92
CA THR D 62 9.35 6.71 -3.37
C THR D 62 10.72 6.64 -4.06
N ARG D 63 11.72 7.30 -3.46
CA ARG D 63 13.08 7.26 -3.99
C ARG D 63 13.56 5.81 -3.96
N VAL D 64 13.24 5.10 -2.87
CA VAL D 64 13.65 3.70 -2.76
C VAL D 64 13.03 2.88 -3.89
N ASN D 65 11.77 3.17 -4.21
CA ASN D 65 11.04 2.47 -5.27
C ASN D 65 11.73 2.64 -6.61
N ARG D 66 12.14 3.87 -6.89
CA ARG D 66 12.79 4.19 -8.15
C ARG D 66 14.19 3.54 -8.22
N LYS D 67 14.92 3.59 -7.11
CA LYS D 67 16.26 3.03 -7.05
C LYS D 67 16.26 1.52 -7.28
N VAL D 68 15.40 0.82 -6.56
CA VAL D 68 15.28 -0.63 -6.71
C VAL D 68 14.76 -0.97 -8.10
N ALA D 69 13.84 -0.16 -8.60
CA ALA D 69 13.26 -0.43 -9.92
C ALA D 69 14.16 -0.14 -11.12
N THR D 70 15.00 0.88 -11.03
CA THR D 70 15.86 1.23 -12.15
C THR D 70 17.33 0.79 -12.08
N GLU D 71 17.88 0.70 -10.87
CA GLU D 71 19.29 0.36 -10.71
C GLU D 71 19.64 -1.11 -10.49
N PHE D 72 18.64 -1.93 -10.25
CA PHE D 72 18.88 -3.34 -9.99
C PHE D 72 18.26 -4.28 -11.00
N GLU D 73 18.99 -5.36 -11.30
CA GLU D 73 18.52 -6.39 -12.22
C GLU D 73 19.30 -7.64 -11.84
N SER D 74 18.61 -8.77 -11.77
CA SER D 74 19.27 -9.99 -11.36
C SER D 74 20.18 -10.64 -12.40
N PHE D 75 21.14 -11.41 -11.88
CA PHE D 75 22.09 -12.12 -12.71
C PHE D 75 22.19 -13.50 -12.09
N SER D 76 21.92 -14.52 -12.89
CA SER D 76 21.98 -15.88 -12.40
C SER D 76 22.22 -16.86 -13.53
N PHE D 77 22.94 -17.93 -13.20
CA PHE D 77 23.24 -18.96 -14.19
C PHE D 77 21.96 -19.75 -14.44
N ASP D 78 20.95 -19.50 -13.61
CA ASP D 78 19.65 -20.15 -13.75
C ASP D 78 18.72 -19.19 -14.49
N ALA D 79 18.49 -19.47 -15.77
CA ALA D 79 17.64 -18.63 -16.62
C ALA D 79 16.39 -18.10 -15.93
N THR D 80 15.81 -18.91 -15.04
CA THR D 80 14.61 -18.52 -14.33
C THR D 80 14.80 -17.30 -13.43
N PHE D 81 15.93 -17.22 -12.73
CA PHE D 81 16.18 -16.10 -11.82
C PHE D 81 17.03 -15.00 -12.44
N HIS D 82 17.35 -15.16 -13.71
CA HIS D 82 18.18 -14.19 -14.41
C HIS D 82 17.41 -13.08 -15.11
N ALA D 83 17.99 -11.88 -15.12
CA ALA D 83 17.38 -10.73 -15.76
C ALA D 83 16.00 -10.39 -15.21
N LYS D 84 15.84 -10.48 -13.90
CA LYS D 84 14.57 -10.17 -13.27
C LYS D 84 14.60 -8.79 -12.63
N LYS D 85 13.42 -8.22 -12.42
CA LYS D 85 13.29 -6.90 -11.84
C LYS D 85 12.45 -6.94 -10.57
N GLN D 86 12.39 -5.82 -9.87
CA GLN D 86 11.66 -5.73 -8.64
C GLN D 86 11.20 -4.30 -8.39
N ILE D 87 9.99 -4.16 -7.81
CA ILE D 87 9.45 -2.85 -7.45
C ILE D 87 8.91 -2.99 -6.02
N PRO D 88 9.36 -2.12 -5.11
CA PRO D 88 8.87 -2.24 -3.73
C PRO D 88 7.38 -1.82 -3.64
N CYS D 89 6.72 -2.13 -2.54
CA CYS D 89 5.30 -1.82 -2.37
C CYS D 89 5.04 -1.07 -1.06
N ILE D 90 4.68 0.20 -1.17
CA ILE D 90 4.39 1.03 0.00
C ILE D 90 2.90 0.96 0.35
N VAL D 91 2.60 0.42 1.51
CA VAL D 91 1.21 0.29 1.97
C VAL D 91 1.00 1.20 3.18
N SER D 92 0.38 2.35 2.94
CA SER D 92 0.15 3.34 3.99
C SER D 92 -1.26 3.57 4.52
N MET D 93 -1.38 3.44 5.83
CA MET D 93 -2.62 3.67 6.57
C MET D 93 -2.29 4.75 7.58
N LEU D 94 -1.34 5.61 7.22
CA LEU D 94 -0.95 6.69 8.10
C LEU D 94 -1.92 7.85 7.89
N THR D 95 -2.08 8.68 8.93
CA THR D 95 -3.01 9.80 8.87
C THR D 95 -2.30 11.14 8.87
N LYS D 96 -0.97 11.12 8.97
CA LYS D 96 -0.19 12.36 8.97
C LYS D 96 1.16 12.14 8.28
N GLU D 97 1.87 13.22 8.04
CA GLU D 97 3.17 13.16 7.39
C GLU D 97 4.24 12.78 8.43
N LEU D 98 5.21 11.97 8.03
CA LEU D 98 6.26 11.56 8.95
C LEU D 98 7.64 12.10 8.58
N TYR D 99 8.23 12.83 9.52
CA TYR D 99 9.56 13.43 9.38
C TYR D 99 10.48 12.92 10.47
N PHE D 100 11.72 12.62 10.10
CA PHE D 100 12.70 12.11 11.04
C PHE D 100 13.58 13.19 11.67
N TYR D 101 13.19 14.44 11.52
CA TYR D 101 13.94 15.55 12.09
C TYR D 101 12.98 16.50 12.79
N HIS D 102 13.53 17.41 13.58
CA HIS D 102 12.73 18.37 14.35
C HIS D 102 12.76 19.77 13.76
C ACE E 1 -27.19 4.03 7.16
O ACE E 1 -27.43 4.06 5.95
CH3 ACE E 1 -28.29 4.21 8.18
N ILE E 2 -25.96 3.84 7.65
CA ILE E 2 -24.82 3.64 6.77
C ILE E 2 -24.86 2.23 6.17
N GLU E 3 -24.53 2.13 4.89
CA GLU E 3 -24.54 0.86 4.19
C GLU E 3 -23.12 0.43 3.80
N PRO E 4 -22.81 -0.88 3.96
CA PRO E 4 -21.50 -1.44 3.63
C PRO E 4 -21.35 -1.80 2.16
N ASP E 5 -20.10 -1.80 1.70
CA ASP E 5 -19.78 -2.11 0.31
C ASP E 5 -18.97 -3.41 0.22
C ACE F 1 23.33 -14.68 -7.43
O ACE F 1 23.54 -14.74 -6.21
CH3 ACE F 1 24.30 -15.27 -8.43
N ILE F 2 22.25 -14.10 -7.95
CA ILE F 2 21.23 -13.49 -7.12
C ILE F 2 20.46 -14.59 -6.38
N GLU F 3 19.95 -14.29 -5.20
CA GLU F 3 19.18 -15.27 -4.42
C GLU F 3 17.80 -14.71 -4.04
N PRO F 4 16.74 -15.51 -4.22
CA PRO F 4 15.37 -15.12 -3.89
C PRO F 4 15.02 -15.28 -2.42
N ASP F 5 14.05 -14.51 -1.95
CA ASP F 5 13.60 -14.57 -0.56
C ASP F 5 12.14 -15.01 -0.50
#